data_5K6S
#
_entry.id   5K6S
#
_cell.length_a   53.231
_cell.length_b   107.811
_cell.length_c   117.998
_cell.angle_alpha   90.00
_cell.angle_beta   90.00
_cell.angle_gamma   90.00
#
_symmetry.space_group_name_H-M   'P 21 21 21'
#
loop_
_entity.id
_entity.type
_entity.pdbx_description
1 polymer 'Serine/threonine-protein phosphatase 2A 56 kDa regulatory subunit gamma isoform'
2 polymer BubR1
3 water water
#
loop_
_entity_poly.entity_id
_entity_poly.type
_entity_poly.pdbx_seq_one_letter_code
_entity_poly.pdbx_strand_id
1 'polypeptide(L)'
;GHMGSRDVPPADQEKLFIQKLRQCCVLFDFVSDPLSDLKWKEVKRAALSEMVEYITHNRNVITEPIYPEVVHMFAVNMFR
TLPPSSNPTGAEFDPEEDEPTLEAAWPHLQLVYEFFLRFLESPDFQPNIAKKYIDQKFVLQLLELFDSEDPRERDFLKTT
LHRIYGKFLGLRAYIRKQINNIFYRFIYETEHHNGIAELLEILGSIINGFALPLKEEHKIFLLKVLLPLHKVKSLSVYHP
QLAYCVVQFLEKDSTLTEPVVMALLKYWPKTHSPKEVMFLNELEEILDVIEPSEFVKIMEPLFRQLAKCVSSPHFQVAER
ALYYWNNEYIMSLISDNAAKILPIMFPSLYRNSKT
;
A
2 'polypeptide(L)' TLSIKKL(SEP)PIIEDDREADH B
#
# COMPACT_ATOMS: atom_id res chain seq x y z
N ASP A 12 -20.15 -2.99 -35.69
CA ASP A 12 -20.53 -1.60 -35.96
C ASP A 12 -20.28 -0.73 -34.74
N GLN A 13 -21.00 -1.01 -33.65
CA GLN A 13 -20.81 -0.30 -32.40
C GLN A 13 -19.44 -0.62 -31.80
N GLU A 14 -18.92 -1.79 -32.14
CA GLU A 14 -17.59 -2.20 -31.71
C GLU A 14 -16.53 -1.37 -32.43
N LYS A 15 -16.82 -1.03 -33.69
CA LYS A 15 -15.90 -0.26 -34.51
C LYS A 15 -15.78 1.17 -34.00
N LEU A 16 -16.88 1.72 -33.50
CA LEU A 16 -16.91 3.09 -33.00
C LEU A 16 -16.17 3.19 -31.65
N PHE A 17 -16.24 2.11 -30.88
CA PHE A 17 -15.53 2.03 -29.62
C PHE A 17 -14.02 2.13 -29.87
N ILE A 18 -13.54 1.29 -30.78
CA ILE A 18 -12.13 1.30 -31.16
C ILE A 18 -11.72 2.65 -31.75
N GLN A 19 -12.62 3.25 -32.52
CA GLN A 19 -12.36 4.57 -33.10
C GLN A 19 -12.12 5.63 -32.04
N LYS A 20 -13.00 5.68 -31.04
CA LYS A 20 -12.90 6.67 -29.98
C LYS A 20 -11.69 6.41 -29.09
N LEU A 21 -11.37 5.14 -28.89
CA LEU A 21 -10.16 4.76 -28.16
C LEU A 21 -8.92 5.28 -28.85
N ARG A 22 -8.83 5.04 -30.16
CA ARG A 22 -7.68 5.50 -30.93
C ARG A 22 -7.66 7.00 -31.05
N GLN A 23 -8.85 7.60 -31.00
CA GLN A 23 -8.99 9.05 -31.04
C GLN A 23 -8.39 9.68 -29.79
N CYS A 24 -8.41 8.94 -28.69
CA CYS A 24 -7.83 9.41 -27.44
C CYS A 24 -6.34 9.08 -27.35
N CYS A 25 -5.80 8.50 -28.43
CA CYS A 25 -4.37 8.23 -28.52
C CYS A 25 -3.65 9.36 -29.25
N VAL A 26 -4.36 10.45 -29.51
CA VAL A 26 -3.80 11.59 -30.21
C VAL A 26 -3.52 12.75 -29.26
N LEU A 27 -2.24 12.95 -28.93
CA LEU A 27 -1.84 14.06 -28.09
C LEU A 27 -1.62 15.31 -28.96
N PHE A 28 -2.28 16.40 -28.60
CA PHE A 28 -2.24 17.62 -29.41
C PHE A 28 -1.84 18.85 -28.59
N ASP A 29 -1.35 19.86 -29.31
CA ASP A 29 -1.00 21.13 -28.70
C ASP A 29 -1.10 22.25 -29.73
N PHE A 30 -1.72 23.37 -29.33
CA PHE A 30 -1.86 24.53 -30.19
C PHE A 30 -1.21 25.74 -29.55
N VAL A 31 0.00 26.07 -30.01
CA VAL A 31 0.77 27.18 -29.44
C VAL A 31 0.17 28.53 -29.77
N SER A 32 -0.46 28.63 -30.94
CA SER A 32 -1.03 29.90 -31.38
C SER A 32 -2.53 29.80 -31.68
N ASP A 33 -3.20 28.87 -30.99
CA ASP A 33 -4.63 28.68 -31.18
C ASP A 33 -5.28 28.08 -29.93
N PRO A 34 -5.42 28.88 -28.87
CA PRO A 34 -5.98 28.40 -27.59
C PRO A 34 -7.45 28.02 -27.68
N LEU A 35 -8.13 28.42 -28.75
CA LEU A 35 -9.55 28.14 -28.90
C LEU A 35 -9.78 26.75 -29.50
N SER A 36 -8.96 26.39 -30.48
CA SER A 36 -9.02 25.06 -31.08
C SER A 36 -8.49 24.02 -30.10
N ASP A 37 -7.58 24.44 -29.24
CA ASP A 37 -7.00 23.56 -28.23
C ASP A 37 -8.05 23.13 -27.21
N LEU A 38 -8.89 24.07 -26.78
CA LEU A 38 -9.97 23.76 -25.84
C LEU A 38 -11.00 22.84 -26.48
N LYS A 39 -11.25 23.04 -27.78
CA LYS A 39 -12.19 22.20 -28.50
C LYS A 39 -11.71 20.76 -28.51
N TRP A 40 -10.43 20.57 -28.79
CA TRP A 40 -9.85 19.23 -28.86
C TRP A 40 -9.87 18.55 -27.50
N LYS A 41 -9.49 19.29 -26.45
CA LYS A 41 -9.47 18.74 -25.11
C LYS A 41 -10.89 18.41 -24.64
N GLU A 42 -11.87 19.16 -25.11
CA GLU A 42 -13.27 18.90 -24.77
C GLU A 42 -13.77 17.65 -25.47
N VAL A 43 -13.40 17.49 -26.74
CA VAL A 43 -13.77 16.32 -27.51
C VAL A 43 -13.17 15.05 -26.89
N LYS A 44 -11.92 15.14 -26.48
CA LYS A 44 -11.24 14.00 -25.85
C LYS A 44 -11.85 13.71 -24.49
N ARG A 45 -12.15 14.75 -23.73
CA ARG A 45 -12.79 14.60 -22.42
C ARG A 45 -14.17 13.97 -22.58
N ALA A 46 -14.88 14.38 -23.63
CA ALA A 46 -16.21 13.86 -23.90
C ALA A 46 -16.17 12.39 -24.27
N ALA A 47 -15.29 12.05 -25.20
CA ALA A 47 -15.14 10.67 -25.68
C ALA A 47 -14.81 9.72 -24.53
N LEU A 48 -13.91 10.15 -23.64
CA LEU A 48 -13.55 9.34 -22.48
C LEU A 48 -14.76 9.12 -21.57
N SER A 49 -15.46 10.20 -21.25
CA SER A 49 -16.65 10.11 -20.41
C SER A 49 -17.71 9.20 -21.03
N GLU A 50 -17.87 9.29 -22.34
CA GLU A 50 -18.81 8.45 -23.06
C GLU A 50 -18.45 6.96 -22.94
N MET A 51 -17.16 6.68 -22.96
CA MET A 51 -16.69 5.29 -22.90
C MET A 51 -16.70 4.77 -21.47
N VAL A 52 -16.55 5.66 -20.50
CA VAL A 52 -16.66 5.28 -19.09
C VAL A 52 -18.08 4.85 -18.80
N GLU A 53 -19.05 5.62 -19.28
CA GLU A 53 -20.46 5.30 -19.12
C GLU A 53 -20.82 4.03 -19.88
N TYR A 54 -20.15 3.83 -21.01
CA TYR A 54 -20.44 2.71 -21.88
C TYR A 54 -20.12 1.36 -21.25
N ILE A 55 -18.87 1.17 -20.83
CA ILE A 55 -18.44 -0.13 -20.29
C ILE A 55 -18.93 -0.38 -18.88
N THR A 56 -19.42 0.65 -18.21
CA THR A 56 -19.87 0.52 -16.83
C THR A 56 -21.29 -0.04 -16.75
N HIS A 57 -22.17 0.46 -17.60
CA HIS A 57 -23.60 0.15 -17.49
C HIS A 57 -24.12 -0.73 -18.62
N ASN A 58 -23.25 -1.09 -19.55
CA ASN A 58 -23.61 -2.03 -20.61
C ASN A 58 -22.88 -3.35 -20.42
N ARG A 59 -23.55 -4.45 -20.79
CA ARG A 59 -22.95 -5.77 -20.68
C ARG A 59 -22.62 -6.33 -22.06
N ASN A 60 -21.61 -7.20 -22.11
CA ASN A 60 -21.14 -7.81 -23.35
C ASN A 60 -20.74 -6.77 -24.40
N VAL A 61 -19.94 -5.79 -23.99
CA VAL A 61 -19.43 -4.78 -24.91
C VAL A 61 -17.91 -4.89 -25.04
N ILE A 62 -17.28 -5.52 -24.05
CA ILE A 62 -15.85 -5.75 -24.09
C ILE A 62 -15.53 -7.01 -24.88
N THR A 63 -15.36 -6.84 -26.19
CA THR A 63 -15.00 -7.95 -27.06
C THR A 63 -13.49 -8.07 -27.15
N GLU A 64 -13.01 -9.20 -27.69
CA GLU A 64 -11.59 -9.47 -27.79
C GLU A 64 -10.76 -8.40 -28.54
N PRO A 65 -11.27 -7.87 -29.68
CA PRO A 65 -10.44 -6.89 -30.39
C PRO A 65 -10.19 -5.57 -29.65
N ILE A 66 -10.99 -5.25 -28.64
CA ILE A 66 -10.82 -3.97 -27.96
C ILE A 66 -9.77 -4.02 -26.86
N TYR A 67 -9.39 -5.22 -26.44
CA TYR A 67 -8.37 -5.39 -25.40
C TYR A 67 -7.04 -4.71 -25.73
N PRO A 68 -6.50 -4.92 -26.96
CA PRO A 68 -5.26 -4.18 -27.23
C PRO A 68 -5.51 -2.68 -27.38
N GLU A 69 -6.71 -2.30 -27.78
CA GLU A 69 -7.06 -0.90 -27.97
C GLU A 69 -7.10 -0.14 -26.65
N VAL A 70 -7.60 -0.79 -25.61
CA VAL A 70 -7.68 -0.17 -24.29
C VAL A 70 -6.28 -0.02 -23.69
N VAL A 71 -5.52 -1.10 -23.67
CA VAL A 71 -4.18 -1.09 -23.10
C VAL A 71 -3.29 -0.09 -23.82
N HIS A 72 -3.43 0.00 -25.13
CA HIS A 72 -2.65 0.95 -25.93
C HIS A 72 -3.03 2.38 -25.58
N MET A 73 -4.32 2.64 -25.44
CA MET A 73 -4.81 3.97 -25.10
C MET A 73 -4.31 4.40 -23.72
N PHE A 74 -4.28 3.46 -22.78
CA PHE A 74 -3.75 3.72 -21.46
C PHE A 74 -2.26 4.02 -21.51
N ALA A 75 -1.53 3.21 -22.27
CA ALA A 75 -0.07 3.34 -22.35
C ALA A 75 0.35 4.66 -22.97
N VAL A 76 -0.30 5.05 -24.06
CA VAL A 76 0.03 6.27 -24.78
C VAL A 76 -0.23 7.51 -23.90
N ASN A 77 -1.27 7.44 -23.08
CA ASN A 77 -1.65 8.56 -22.23
C ASN A 77 -0.89 8.63 -20.91
N MET A 78 -0.73 7.49 -20.25
CA MET A 78 -0.20 7.49 -18.89
C MET A 78 1.32 7.28 -18.83
N PHE A 79 1.84 6.34 -19.59
CA PHE A 79 3.27 6.06 -19.57
C PHE A 79 4.05 7.22 -20.16
N ARG A 80 4.27 8.23 -19.33
CA ARG A 80 4.96 9.45 -19.74
C ARG A 80 6.21 9.68 -18.90
N THR A 81 7.02 10.65 -19.31
CA THR A 81 8.21 11.03 -18.54
C THR A 81 7.82 12.02 -17.44
N LEU A 82 7.90 11.57 -16.19
CA LEU A 82 7.46 12.37 -15.05
C LEU A 82 8.28 13.65 -14.87
N PRO A 83 7.60 14.75 -14.51
CA PRO A 83 8.22 16.06 -14.26
C PRO A 83 9.08 16.06 -12.99
N PRO A 84 9.82 17.14 -12.72
CA PRO A 84 10.59 17.21 -11.48
C PRO A 84 9.70 17.20 -10.24
N GLU A 103 -0.73 16.13 -12.07
CA GLU A 103 -0.34 16.92 -13.24
C GLU A 103 -1.30 18.08 -13.48
N ALA A 104 -1.07 18.82 -14.57
CA ALA A 104 -1.92 19.93 -14.92
C ALA A 104 -3.09 19.47 -15.79
N ALA A 105 -2.85 18.43 -16.57
CA ALA A 105 -3.88 17.85 -17.43
C ALA A 105 -4.59 16.70 -16.73
N TRP A 106 -4.90 16.92 -15.45
CA TRP A 106 -5.55 15.90 -14.63
C TRP A 106 -6.99 15.53 -15.03
N PRO A 107 -7.80 16.51 -15.48
CA PRO A 107 -9.15 16.13 -15.94
C PRO A 107 -9.16 15.05 -17.01
N HIS A 108 -8.10 14.95 -17.82
CA HIS A 108 -7.99 13.87 -18.80
C HIS A 108 -7.43 12.61 -18.17
N LEU A 109 -6.38 12.76 -17.37
CA LEU A 109 -5.72 11.61 -16.75
C LEU A 109 -6.66 10.87 -15.80
N GLN A 110 -7.51 11.62 -15.11
CA GLN A 110 -8.45 11.02 -14.17
C GLN A 110 -9.46 10.13 -14.89
N LEU A 111 -9.90 10.58 -16.06
CA LEU A 111 -10.82 9.80 -16.87
C LEU A 111 -10.17 8.52 -17.40
N VAL A 112 -8.92 8.62 -17.85
CA VAL A 112 -8.21 7.46 -18.37
C VAL A 112 -8.07 6.40 -17.29
N TYR A 113 -7.66 6.82 -16.10
CA TYR A 113 -7.58 5.95 -14.93
C TYR A 113 -8.95 5.35 -14.62
N GLU A 114 -9.97 6.19 -14.62
CA GLU A 114 -11.34 5.77 -14.37
C GLU A 114 -11.78 4.71 -15.37
N PHE A 115 -11.59 5.01 -16.65
CA PHE A 115 -12.01 4.09 -17.71
C PHE A 115 -11.31 2.75 -17.62
N PHE A 116 -10.01 2.79 -17.36
CA PHE A 116 -9.21 1.57 -17.30
C PHE A 116 -9.60 0.73 -16.08
N LEU A 117 -10.01 1.39 -15.01
CA LEU A 117 -10.48 0.69 -13.82
C LEU A 117 -11.80 -0.02 -14.06
N ARG A 118 -12.76 0.69 -14.67
N ARG A 118 -12.76 0.68 -14.68
CA ARG A 118 -14.05 0.09 -15.01
CA ARG A 118 -14.05 0.08 -14.99
C ARG A 118 -13.85 -1.06 -15.98
C ARG A 118 -13.87 -1.05 -16.01
N PHE A 119 -12.79 -0.95 -16.79
CA PHE A 119 -12.45 -1.99 -17.75
C PHE A 119 -11.99 -3.25 -17.03
N LEU A 120 -11.12 -3.08 -16.03
CA LEU A 120 -10.61 -4.20 -15.25
C LEU A 120 -11.68 -4.83 -14.36
N GLU A 121 -12.56 -3.98 -13.82
CA GLU A 121 -13.57 -4.43 -12.87
C GLU A 121 -14.82 -4.99 -13.54
N SER A 122 -14.89 -4.87 -14.86
CA SER A 122 -16.05 -5.33 -15.62
C SER A 122 -16.19 -6.85 -15.56
N PRO A 123 -17.44 -7.34 -15.39
CA PRO A 123 -17.72 -8.77 -15.36
C PRO A 123 -17.42 -9.49 -16.68
N ASP A 124 -17.27 -8.71 -17.76
CA ASP A 124 -16.96 -9.28 -19.07
C ASP A 124 -15.44 -9.41 -19.28
N PHE A 125 -14.67 -8.92 -18.32
CA PHE A 125 -13.21 -8.92 -18.44
C PHE A 125 -12.65 -10.32 -18.33
N GLN A 126 -11.88 -10.71 -19.34
CA GLN A 126 -11.27 -12.05 -19.36
C GLN A 126 -9.74 -11.93 -19.35
N PRO A 127 -9.15 -12.13 -18.17
CA PRO A 127 -7.69 -12.05 -17.96
C PRO A 127 -6.88 -12.94 -18.88
N ASN A 128 -7.48 -14.05 -19.33
CA ASN A 128 -6.82 -14.97 -20.25
C ASN A 128 -6.58 -14.33 -21.61
N ILE A 129 -7.40 -13.33 -21.94
CA ILE A 129 -7.24 -12.59 -23.17
C ILE A 129 -6.39 -11.35 -22.95
N ALA A 130 -6.52 -10.75 -21.77
CA ALA A 130 -5.84 -9.50 -21.46
C ALA A 130 -4.39 -9.71 -21.05
N LYS A 131 -4.04 -10.93 -20.65
CA LYS A 131 -2.67 -11.24 -20.24
C LYS A 131 -1.70 -11.08 -21.40
N LYS A 132 -2.21 -11.08 -22.63
CA LYS A 132 -1.37 -10.90 -23.81
C LYS A 132 -0.82 -9.47 -23.89
N TYR A 133 -1.58 -8.52 -23.35
CA TYR A 133 -1.25 -7.11 -23.50
C TYR A 133 -0.81 -6.47 -22.19
N ILE A 134 -1.38 -6.93 -21.09
CA ILE A 134 -0.95 -6.51 -19.76
C ILE A 134 0.13 -7.44 -19.27
N ASP A 135 1.37 -7.12 -19.60
CA ASP A 135 2.50 -7.99 -19.29
C ASP A 135 3.40 -7.35 -18.24
N GLN A 136 4.62 -7.88 -18.12
CA GLN A 136 5.56 -7.39 -17.13
C GLN A 136 6.03 -5.98 -17.45
N LYS A 137 6.20 -5.67 -18.72
CA LYS A 137 6.64 -4.35 -19.13
C LYS A 137 5.58 -3.30 -18.79
N PHE A 138 4.32 -3.70 -18.89
CA PHE A 138 3.21 -2.81 -18.55
C PHE A 138 3.19 -2.53 -17.05
N VAL A 139 3.27 -3.59 -16.27
CA VAL A 139 3.32 -3.48 -14.82
C VAL A 139 4.55 -2.68 -14.38
N LEU A 140 5.66 -2.86 -15.09
CA LEU A 140 6.87 -2.13 -14.79
C LEU A 140 6.66 -0.64 -15.01
N GLN A 141 6.10 -0.29 -16.16
CA GLN A 141 5.85 1.11 -16.50
C GLN A 141 4.79 1.72 -15.59
N LEU A 142 3.88 0.89 -15.12
CA LEU A 142 2.84 1.34 -14.19
C LEU A 142 3.46 1.71 -12.84
N LEU A 143 4.49 0.97 -12.44
CA LEU A 143 5.17 1.21 -11.17
C LEU A 143 6.03 2.47 -11.21
N GLU A 144 6.49 2.84 -12.40
CA GLU A 144 7.24 4.08 -12.57
C GLU A 144 6.39 5.28 -12.18
N LEU A 145 5.08 5.17 -12.41
CA LEU A 145 4.16 6.27 -12.17
C LEU A 145 3.89 6.46 -10.69
N PHE A 146 4.21 5.45 -9.88
CA PHE A 146 4.01 5.54 -8.44
C PHE A 146 4.93 6.59 -7.80
N ASP A 147 5.92 7.03 -8.57
CA ASP A 147 6.85 8.06 -8.10
C ASP A 147 6.24 9.46 -8.29
N SER A 148 4.99 9.50 -8.74
CA SER A 148 4.28 10.75 -8.95
C SER A 148 4.17 11.57 -7.68
N GLU A 149 4.03 12.89 -7.83
CA GLU A 149 3.91 13.78 -6.69
C GLU A 149 2.46 14.13 -6.42
N ASP A 150 1.57 13.62 -7.26
CA ASP A 150 0.14 13.88 -7.11
C ASP A 150 -0.51 12.75 -6.31
N PRO A 151 -1.03 13.08 -5.12
CA PRO A 151 -1.72 12.10 -4.26
C PRO A 151 -2.91 11.46 -4.96
N ARG A 152 -3.57 12.23 -5.82
CA ARG A 152 -4.74 11.73 -6.54
C ARG A 152 -4.34 10.66 -7.54
N GLU A 153 -3.20 10.85 -8.19
CA GLU A 153 -2.73 9.91 -9.19
C GLU A 153 -2.24 8.61 -8.54
N ARG A 154 -1.48 8.75 -7.46
CA ARG A 154 -0.97 7.58 -6.74
C ARG A 154 -2.11 6.73 -6.20
N ASP A 155 -3.24 7.38 -5.89
CA ASP A 155 -4.41 6.66 -5.40
C ASP A 155 -5.03 5.79 -6.50
N PHE A 156 -5.17 6.35 -7.69
CA PHE A 156 -5.65 5.58 -8.84
C PHE A 156 -4.69 4.43 -9.19
N LEU A 157 -3.40 4.73 -9.14
CA LEU A 157 -2.38 3.71 -9.42
C LEU A 157 -2.43 2.59 -8.41
N LYS A 158 -2.66 2.95 -7.15
CA LYS A 158 -2.80 1.98 -6.07
C LYS A 158 -3.95 1.01 -6.35
N THR A 159 -5.10 1.56 -6.74
CA THR A 159 -6.27 0.75 -7.03
C THR A 159 -6.05 -0.11 -8.28
N THR A 160 -5.44 0.48 -9.30
CA THR A 160 -5.18 -0.20 -10.56
C THR A 160 -4.25 -1.40 -10.38
N LEU A 161 -3.14 -1.19 -9.69
CA LEU A 161 -2.19 -2.27 -9.41
C LEU A 161 -2.80 -3.35 -8.52
N HIS A 162 -3.75 -2.94 -7.68
CA HIS A 162 -4.45 -3.88 -6.81
C HIS A 162 -5.38 -4.79 -7.60
N ARG A 163 -5.95 -4.26 -8.68
CA ARG A 163 -6.81 -5.04 -9.56
C ARG A 163 -6.00 -6.03 -10.38
N ILE A 164 -4.90 -5.55 -10.95
CA ILE A 164 -4.05 -6.37 -11.80
C ILE A 164 -3.49 -7.55 -11.03
N TYR A 165 -3.02 -7.29 -9.81
CA TYR A 165 -2.48 -8.34 -8.96
C TYR A 165 -3.55 -9.40 -8.65
N GLY A 166 -4.78 -8.94 -8.45
CA GLY A 166 -5.87 -9.82 -8.09
C GLY A 166 -6.39 -10.70 -9.21
N LYS A 167 -6.35 -10.19 -10.44
CA LYS A 167 -6.95 -10.90 -11.56
C LYS A 167 -5.92 -11.54 -12.50
N PHE A 168 -4.65 -11.27 -12.26
CA PHE A 168 -3.58 -11.88 -13.05
C PHE A 168 -2.66 -12.73 -12.19
N LEU A 169 -3.01 -14.00 -12.03
CA LEU A 169 -2.27 -14.94 -11.20
C LEU A 169 -0.82 -15.09 -11.64
N GLY A 170 -0.57 -14.94 -12.94
CA GLY A 170 0.76 -15.12 -13.49
C GLY A 170 1.64 -13.90 -13.35
N LEU A 171 1.08 -12.83 -12.77
CA LEU A 171 1.83 -11.60 -12.58
C LEU A 171 2.15 -11.35 -11.10
N ARG A 172 1.43 -12.06 -10.23
CA ARG A 172 1.56 -11.87 -8.79
C ARG A 172 3.00 -12.00 -8.29
N ALA A 173 3.71 -13.01 -8.81
CA ALA A 173 5.08 -13.26 -8.40
C ALA A 173 6.00 -12.11 -8.84
N TYR A 174 5.83 -11.67 -10.08
CA TYR A 174 6.67 -10.62 -10.63
C TYR A 174 6.41 -9.27 -9.95
N ILE A 175 5.16 -9.02 -9.59
CA ILE A 175 4.78 -7.77 -8.95
C ILE A 175 5.44 -7.65 -7.57
N ARG A 176 5.34 -8.71 -6.77
CA ARG A 176 5.98 -8.75 -5.46
C ARG A 176 7.48 -8.54 -5.57
N LYS A 177 8.08 -9.12 -6.60
CA LYS A 177 9.52 -8.99 -6.83
C LYS A 177 9.92 -7.53 -7.07
N GLN A 178 9.14 -6.84 -7.89
CA GLN A 178 9.46 -5.47 -8.28
C GLN A 178 9.16 -4.46 -7.18
N ILE A 179 8.16 -4.76 -6.34
CA ILE A 179 7.85 -3.93 -5.19
C ILE A 179 8.95 -4.09 -4.14
N ASN A 180 9.42 -5.32 -3.98
CA ASN A 180 10.52 -5.62 -3.08
C ASN A 180 11.79 -4.85 -3.47
N ASN A 181 11.98 -4.65 -4.76
CA ASN A 181 13.14 -3.90 -5.26
C ASN A 181 13.04 -2.41 -4.94
N ILE A 182 11.82 -1.87 -5.03
CA ILE A 182 11.59 -0.45 -4.77
C ILE A 182 11.90 -0.11 -3.32
N PHE A 183 11.49 -0.99 -2.41
CA PHE A 183 11.75 -0.81 -0.99
C PHE A 183 13.24 -0.90 -0.67
N TYR A 184 13.91 -1.90 -1.23
CA TYR A 184 15.33 -2.11 -1.03
C TYR A 184 16.12 -0.88 -1.46
N ARG A 185 15.68 -0.23 -2.53
CA ARG A 185 16.34 0.98 -3.02
C ARG A 185 15.94 2.21 -2.22
N PHE A 186 14.86 2.10 -1.47
CA PHE A 186 14.39 3.19 -0.64
C PHE A 186 15.09 3.16 0.72
N ILE A 187 15.25 1.96 1.26
CA ILE A 187 15.91 1.76 2.54
C ILE A 187 17.43 1.91 2.42
N TYR A 188 18.03 1.02 1.63
CA TYR A 188 19.49 0.97 1.51
C TYR A 188 20.04 2.03 0.56
N GLU A 189 19.60 1.99 -0.69
CA GLU A 189 20.04 2.98 -1.68
C GLU A 189 19.46 4.35 -1.37
N THR A 190 19.89 5.36 -2.13
CA THR A 190 19.46 6.74 -1.88
C THR A 190 18.09 7.04 -2.48
N GLU A 191 17.61 6.15 -3.33
CA GLU A 191 16.36 6.36 -4.07
C GLU A 191 15.16 6.65 -3.18
N HIS A 192 14.76 7.92 -3.13
CA HIS A 192 13.53 8.31 -2.44
C HIS A 192 12.33 7.92 -3.30
N HIS A 193 11.19 7.68 -2.66
CA HIS A 193 9.98 7.28 -3.37
C HIS A 193 8.74 7.85 -2.71
N ASN A 194 7.89 8.49 -3.51
CA ASN A 194 6.69 9.13 -2.98
C ASN A 194 5.51 8.18 -2.87
N GLY A 195 5.70 6.94 -3.32
CA GLY A 195 4.62 5.98 -3.34
C GLY A 195 4.79 4.82 -2.39
N ILE A 196 5.65 5.00 -1.38
CA ILE A 196 5.91 3.95 -0.40
C ILE A 196 4.64 3.59 0.35
N ALA A 197 3.85 4.60 0.71
CA ALA A 197 2.61 4.38 1.45
C ALA A 197 1.59 3.58 0.63
N GLU A 198 1.35 4.02 -0.60
CA GLU A 198 0.36 3.37 -1.46
C GLU A 198 0.74 1.91 -1.74
N LEU A 199 2.04 1.64 -1.88
CA LEU A 199 2.51 0.28 -2.09
C LEU A 199 2.26 -0.59 -0.86
N LEU A 200 2.52 -0.05 0.32
CA LEU A 200 2.27 -0.77 1.56
C LEU A 200 0.79 -1.08 1.74
N GLU A 201 -0.06 -0.16 1.27
CA GLU A 201 -1.50 -0.35 1.38
C GLU A 201 -1.95 -1.54 0.53
N ILE A 202 -1.32 -1.70 -0.62
CA ILE A 202 -1.58 -2.85 -1.49
C ILE A 202 -1.10 -4.14 -0.83
N LEU A 203 0.09 -4.08 -0.24
CA LEU A 203 0.70 -5.23 0.42
C LEU A 203 -0.14 -5.75 1.57
N GLY A 204 -0.73 -4.83 2.33
CA GLY A 204 -1.58 -5.19 3.44
C GLY A 204 -2.78 -5.98 2.97
N SER A 205 -3.27 -5.64 1.77
CA SER A 205 -4.38 -6.35 1.16
C SER A 205 -3.98 -7.75 0.75
N ILE A 206 -2.69 -7.92 0.44
CA ILE A 206 -2.15 -9.21 0.04
C ILE A 206 -1.89 -10.10 1.24
N ILE A 207 -1.26 -9.53 2.26
CA ILE A 207 -0.91 -10.25 3.48
C ILE A 207 -2.15 -10.81 4.18
N ASN A 208 -3.24 -10.04 4.15
CA ASN A 208 -4.48 -10.44 4.81
C ASN A 208 -5.09 -11.71 4.22
N GLY A 209 -4.70 -12.05 3.00
CA GLY A 209 -5.24 -13.23 2.34
C GLY A 209 -4.21 -14.31 2.12
N PHE A 210 -3.16 -14.32 2.93
CA PHE A 210 -2.08 -15.30 2.80
C PHE A 210 -2.53 -16.72 3.12
N ALA A 211 -1.76 -17.70 2.65
CA ALA A 211 -2.05 -19.11 2.91
C ALA A 211 -1.81 -19.46 4.37
N LEU A 212 -2.13 -20.69 4.76
CA LEU A 212 -2.04 -21.07 6.16
C LEU A 212 -0.59 -21.11 6.65
N PRO A 213 0.30 -21.90 6.00
CA PRO A 213 1.68 -21.74 6.46
C PRO A 213 2.40 -20.65 5.67
N LEU A 214 2.96 -19.67 6.35
CA LEU A 214 3.65 -18.58 5.67
C LEU A 214 4.88 -19.09 4.95
N LYS A 215 4.98 -18.78 3.66
CA LYS A 215 6.13 -19.16 2.85
C LYS A 215 7.37 -18.46 3.41
N GLU A 216 8.51 -19.11 3.27
CA GLU A 216 9.77 -18.58 3.82
C GLU A 216 10.09 -17.21 3.25
N GLU A 217 9.74 -16.99 1.99
CA GLU A 217 9.99 -15.71 1.33
C GLU A 217 9.16 -14.59 1.95
N HIS A 218 7.99 -14.95 2.49
CA HIS A 218 7.12 -13.98 3.14
C HIS A 218 7.67 -13.56 4.49
N LYS A 219 8.17 -14.53 5.24
CA LYS A 219 8.76 -14.26 6.55
C LYS A 219 10.02 -13.42 6.39
N ILE A 220 10.82 -13.73 5.37
CA ILE A 220 12.02 -12.96 5.08
C ILE A 220 11.65 -11.52 4.76
N PHE A 221 10.58 -11.36 3.97
CA PHE A 221 10.10 -10.04 3.58
C PHE A 221 9.65 -9.22 4.80
N LEU A 222 9.00 -9.88 5.74
CA LEU A 222 8.58 -9.23 6.97
C LEU A 222 9.79 -8.73 7.76
N LEU A 223 10.85 -9.53 7.77
CA LEU A 223 12.02 -9.24 8.59
C LEU A 223 13.07 -8.39 7.86
N LYS A 224 13.37 -8.73 6.62
CA LYS A 224 14.42 -8.04 5.88
C LYS A 224 13.97 -6.74 5.23
N VAL A 225 12.66 -6.57 5.07
CA VAL A 225 12.13 -5.40 4.37
C VAL A 225 11.23 -4.52 5.24
N LEU A 226 10.15 -5.10 5.73
CA LEU A 226 9.15 -4.33 6.49
C LEU A 226 9.71 -3.70 7.76
N LEU A 227 10.51 -4.46 8.51
CA LEU A 227 11.07 -3.97 9.76
C LEU A 227 12.14 -2.87 9.56
N PRO A 228 13.09 -3.05 8.61
CA PRO A 228 14.03 -1.95 8.42
C PRO A 228 13.41 -0.68 7.82
N LEU A 229 12.13 -0.75 7.45
CA LEU A 229 11.42 0.44 6.96
C LEU A 229 11.16 1.43 8.09
N HIS A 230 11.30 0.96 9.33
CA HIS A 230 11.14 1.84 10.50
C HIS A 230 12.38 2.69 10.72
N LYS A 231 13.47 2.31 10.05
CA LYS A 231 14.74 3.01 10.20
C LYS A 231 14.80 4.31 9.41
N VAL A 232 14.11 4.33 8.27
CA VAL A 232 14.14 5.48 7.35
C VAL A 232 13.58 6.74 8.02
N LYS A 233 14.19 7.88 7.71
CA LYS A 233 13.83 9.15 8.32
C LYS A 233 12.41 9.62 7.95
N SER A 234 11.97 9.28 6.74
CA SER A 234 10.66 9.73 6.26
C SER A 234 9.55 8.77 6.65
N LEU A 235 9.71 8.14 7.82
CA LEU A 235 8.74 7.16 8.33
C LEU A 235 7.35 7.76 8.53
N SER A 236 7.30 9.04 8.88
CA SER A 236 6.04 9.72 9.20
C SER A 236 5.00 9.62 8.08
N VAL A 237 5.47 9.50 6.85
CA VAL A 237 4.58 9.51 5.68
C VAL A 237 3.83 8.19 5.50
N TYR A 238 4.50 7.07 5.76
CA TYR A 238 3.93 5.77 5.46
C TYR A 238 3.80 4.86 6.68
N HIS A 239 4.03 5.41 7.86
CA HIS A 239 3.97 4.61 9.08
C HIS A 239 2.61 3.96 9.39
N PRO A 240 1.49 4.69 9.15
CA PRO A 240 0.23 3.98 9.40
C PRO A 240 0.05 2.75 8.53
N GLN A 241 0.51 2.82 7.28
CA GLN A 241 0.39 1.69 6.37
C GLN A 241 1.36 0.57 6.75
N LEU A 242 2.57 0.96 7.16
CA LEU A 242 3.58 0.00 7.58
C LEU A 242 3.14 -0.75 8.83
N ALA A 243 2.52 -0.05 9.76
CA ALA A 243 2.05 -0.64 11.01
C ALA A 243 0.98 -1.69 10.74
N TYR A 244 0.10 -1.41 9.78
CA TYR A 244 -0.97 -2.32 9.42
C TYR A 244 -0.42 -3.62 8.84
N CYS A 245 0.62 -3.50 8.01
CA CYS A 245 1.25 -4.67 7.43
C CYS A 245 1.86 -5.56 8.50
N VAL A 246 2.59 -4.94 9.42
CA VAL A 246 3.22 -5.67 10.51
C VAL A 246 2.18 -6.37 11.37
N VAL A 247 1.07 -5.70 11.62
CA VAL A 247 -0.02 -6.27 12.42
C VAL A 247 -0.65 -7.48 11.71
N GLN A 248 -0.90 -7.34 10.41
CA GLN A 248 -1.51 -8.42 9.63
C GLN A 248 -0.62 -9.67 9.62
N PHE A 249 0.68 -9.46 9.61
CA PHE A 249 1.64 -10.57 9.65
C PHE A 249 1.53 -11.34 10.96
N LEU A 250 1.23 -10.64 12.04
CA LEU A 250 1.14 -11.26 13.36
C LEU A 250 -0.24 -11.87 13.58
N GLU A 251 -1.20 -11.45 12.78
CA GLU A 251 -2.53 -12.03 12.81
C GLU A 251 -2.55 -13.39 12.14
N LYS A 252 -1.63 -13.59 11.19
CA LYS A 252 -1.48 -14.87 10.52
C LYS A 252 -0.67 -15.84 11.38
N ASP A 253 0.64 -15.62 11.45
CA ASP A 253 1.52 -16.46 12.23
C ASP A 253 2.04 -15.71 13.46
N SER A 254 1.53 -16.08 14.63
CA SER A 254 1.90 -15.40 15.87
C SER A 254 3.27 -15.83 16.38
N THR A 255 3.96 -16.65 15.60
CA THR A 255 5.32 -17.08 15.93
C THR A 255 6.30 -15.94 15.69
N LEU A 256 5.86 -14.97 14.88
CA LEU A 256 6.74 -13.88 14.45
C LEU A 256 6.65 -12.66 15.37
N THR A 257 5.93 -12.79 16.48
CA THR A 257 5.74 -11.68 17.40
C THR A 257 7.04 -11.23 18.06
N GLU A 258 7.91 -12.18 18.40
CA GLU A 258 9.16 -11.85 19.08
C GLU A 258 10.16 -11.08 18.20
N PRO A 259 10.46 -11.57 16.98
CA PRO A 259 11.47 -10.81 16.22
C PRO A 259 10.96 -9.44 15.78
N VAL A 260 9.65 -9.30 15.66
CA VAL A 260 9.04 -8.02 15.32
C VAL A 260 9.17 -7.01 16.45
N VAL A 261 8.72 -7.40 17.64
CA VAL A 261 8.76 -6.54 18.82
C VAL A 261 10.20 -6.16 19.18
N MET A 262 11.10 -7.14 19.14
CA MET A 262 12.50 -6.90 19.47
C MET A 262 13.14 -5.95 18.46
N ALA A 263 12.67 -5.98 17.23
CA ALA A 263 13.18 -5.09 16.18
C ALA A 263 12.67 -3.67 16.40
N LEU A 264 11.39 -3.54 16.75
CA LEU A 264 10.81 -2.22 17.03
C LEU A 264 11.54 -1.56 18.20
N LEU A 265 11.90 -2.36 19.20
CA LEU A 265 12.67 -1.87 20.33
C LEU A 265 14.08 -1.50 19.90
N LYS A 266 14.59 -2.18 18.88
CA LYS A 266 15.91 -1.92 18.34
C LYS A 266 15.93 -0.61 17.54
N TYR A 267 14.94 -0.46 16.65
CA TYR A 267 14.85 0.74 15.83
C TYR A 267 14.20 1.90 16.59
N TRP A 268 13.85 1.65 17.85
CA TRP A 268 13.21 2.64 18.70
C TRP A 268 14.06 3.91 18.84
N PRO A 269 13.44 5.08 18.65
CA PRO A 269 14.14 6.36 18.79
C PRO A 269 14.86 6.49 20.13
N LYS A 270 16.15 6.19 20.13
CA LYS A 270 16.98 6.26 21.34
C LYS A 270 16.92 7.65 21.95
N THR A 271 16.94 8.66 21.10
CA THR A 271 16.81 10.04 21.54
C THR A 271 15.33 10.37 21.73
N HIS A 272 14.97 10.93 22.89
CA HIS A 272 13.59 11.27 23.18
C HIS A 272 13.04 12.31 22.21
N SER A 273 12.21 11.84 21.27
CA SER A 273 11.61 12.71 20.28
C SER A 273 10.14 12.30 20.05
N PRO A 274 9.32 13.24 19.56
CA PRO A 274 7.90 12.98 19.23
C PRO A 274 7.68 11.77 18.32
N LYS A 275 8.71 11.31 17.62
CA LYS A 275 8.61 10.14 16.77
C LYS A 275 8.30 8.87 17.57
N GLU A 276 8.53 8.93 18.87
CA GLU A 276 8.20 7.82 19.77
C GLU A 276 6.70 7.55 19.77
N VAL A 277 5.91 8.60 19.61
CA VAL A 277 4.45 8.48 19.58
C VAL A 277 4.02 7.54 18.47
N MET A 278 4.72 7.62 17.34
CA MET A 278 4.48 6.72 16.22
C MET A 278 4.67 5.27 16.62
N PHE A 279 5.82 4.98 17.24
CA PHE A 279 6.14 3.62 17.68
C PHE A 279 5.20 3.12 18.76
N LEU A 280 4.82 4.00 19.68
CA LEU A 280 3.88 3.65 20.73
C LEU A 280 2.53 3.26 20.14
N ASN A 281 2.13 3.95 19.08
CA ASN A 281 0.89 3.64 18.39
C ASN A 281 0.96 2.27 17.73
N GLU A 282 2.07 2.01 17.05
CA GLU A 282 2.28 0.73 16.39
C GLU A 282 2.38 -0.41 17.40
N LEU A 283 2.98 -0.11 18.55
CA LEU A 283 3.21 -1.12 19.58
C LEU A 283 1.92 -1.52 20.29
N GLU A 284 1.00 -0.58 20.43
CA GLU A 284 -0.30 -0.87 21.05
C GLU A 284 -1.19 -1.66 20.09
N GLU A 285 -1.08 -1.37 18.81
CA GLU A 285 -1.85 -2.08 17.79
C GLU A 285 -1.39 -3.52 17.67
N ILE A 286 -0.12 -3.77 17.99
CA ILE A 286 0.44 -5.12 18.03
C ILE A 286 -0.07 -5.87 19.25
N LEU A 287 -0.10 -5.18 20.39
CA LEU A 287 -0.56 -5.79 21.64
C LEU A 287 -2.04 -6.16 21.59
N ASP A 288 -2.81 -5.47 20.75
CA ASP A 288 -4.23 -5.74 20.62
C ASP A 288 -4.51 -7.11 20.01
N VAL A 289 -3.56 -7.63 19.24
CA VAL A 289 -3.73 -8.90 18.56
C VAL A 289 -2.60 -9.88 18.88
N ILE A 290 -2.06 -9.77 20.09
CA ILE A 290 -0.95 -10.63 20.49
C ILE A 290 -1.45 -11.82 21.31
N GLU A 291 -0.75 -12.95 21.20
CA GLU A 291 -1.06 -14.12 22.00
C GLU A 291 -0.40 -14.02 23.37
N PRO A 292 -1.16 -14.33 24.43
CA PRO A 292 -0.67 -14.27 25.82
C PRO A 292 0.62 -15.06 26.04
N SER A 293 0.78 -16.17 25.33
CA SER A 293 2.00 -16.96 25.43
C SER A 293 3.16 -16.28 24.72
N GLU A 294 2.84 -15.46 23.73
CA GLU A 294 3.86 -14.71 23.00
C GLU A 294 4.11 -13.37 23.68
N PHE A 295 3.14 -12.94 24.48
CA PHE A 295 3.26 -11.69 25.23
C PHE A 295 4.39 -11.76 26.25
N VAL A 296 4.49 -12.89 26.94
CA VAL A 296 5.47 -13.06 28.01
C VAL A 296 6.89 -13.20 27.49
N LYS A 297 7.03 -13.50 26.20
CA LYS A 297 8.34 -13.69 25.60
C LYS A 297 9.08 -12.37 25.42
N ILE A 298 8.33 -11.27 25.41
CA ILE A 298 8.93 -9.95 25.20
C ILE A 298 8.33 -8.88 26.11
N MET A 299 7.57 -9.29 27.13
CA MET A 299 6.91 -8.33 28.01
C MET A 299 7.91 -7.53 28.85
N GLU A 300 9.07 -8.11 29.12
CA GLU A 300 10.07 -7.41 29.92
C GLU A 300 10.79 -6.30 29.14
N PRO A 301 11.37 -6.61 27.96
CA PRO A 301 12.05 -5.50 27.28
C PRO A 301 11.07 -4.47 26.74
N LEU A 302 9.81 -4.87 26.58
CA LEU A 302 8.75 -3.95 26.16
C LEU A 302 8.52 -2.90 27.23
N PHE A 303 8.20 -3.34 28.44
CA PHE A 303 7.85 -2.43 29.52
C PHE A 303 9.05 -1.69 30.08
N ARG A 304 10.26 -2.17 29.79
CA ARG A 304 11.46 -1.41 30.15
C ARG A 304 11.51 -0.14 29.32
N GLN A 305 11.17 -0.26 28.04
CA GLN A 305 11.11 0.89 27.14
C GLN A 305 9.88 1.73 27.44
N LEU A 306 8.78 1.07 27.77
CA LEU A 306 7.53 1.75 28.11
C LEU A 306 7.71 2.61 29.34
N ALA A 307 8.51 2.12 30.30
CA ALA A 307 8.80 2.85 31.52
C ALA A 307 9.58 4.12 31.21
N LYS A 308 10.50 4.02 30.25
CA LYS A 308 11.27 5.18 29.83
C LYS A 308 10.38 6.22 29.17
N CYS A 309 9.34 5.76 28.48
CA CYS A 309 8.39 6.65 27.82
C CYS A 309 7.52 7.39 28.84
N VAL A 310 7.15 6.71 29.92
CA VAL A 310 6.38 7.34 30.98
C VAL A 310 7.23 8.41 31.66
N SER A 311 8.54 8.18 31.67
CA SER A 311 9.48 9.10 32.30
C SER A 311 10.03 10.12 31.31
N SER A 312 9.40 10.20 30.13
CA SER A 312 9.89 11.06 29.06
C SER A 312 9.75 12.54 29.39
N PRO A 313 10.72 13.34 28.98
CA PRO A 313 10.64 14.80 29.11
C PRO A 313 9.56 15.38 28.20
N HIS A 314 9.21 14.65 27.14
CA HIS A 314 8.15 15.07 26.23
C HIS A 314 6.79 14.57 26.71
N PHE A 315 5.91 15.51 27.04
CA PHE A 315 4.59 15.18 27.56
C PHE A 315 3.78 14.30 26.60
N GLN A 316 3.86 14.59 25.31
CA GLN A 316 3.12 13.85 24.30
C GLN A 316 3.47 12.37 24.29
N VAL A 317 4.76 12.08 24.53
CA VAL A 317 5.23 10.71 24.57
C VAL A 317 4.68 9.99 25.80
N ALA A 318 4.82 10.63 26.96
CA ALA A 318 4.32 10.08 28.21
C ALA A 318 2.80 9.93 28.19
N GLU A 319 2.13 10.94 27.65
CA GLU A 319 0.67 10.91 27.53
C GLU A 319 0.23 9.72 26.69
N ARG A 320 0.98 9.44 25.64
CA ARG A 320 0.65 8.33 24.74
C ARG A 320 0.90 6.98 25.42
N ALA A 321 2.02 6.87 26.12
CA ALA A 321 2.37 5.63 26.80
C ALA A 321 1.39 5.32 27.93
N LEU A 322 0.94 6.37 28.63
CA LEU A 322 0.01 6.21 29.74
C LEU A 322 -1.38 5.79 29.28
N TYR A 323 -1.67 6.08 28.01
CA TYR A 323 -2.96 5.73 27.42
C TYR A 323 -3.12 4.21 27.26
N TYR A 324 -2.02 3.49 27.47
CA TYR A 324 -2.04 2.03 27.38
C TYR A 324 -3.00 1.42 28.39
N TRP A 325 -3.18 2.10 29.52
CA TRP A 325 -4.00 1.58 30.61
C TRP A 325 -5.50 1.70 30.33
N ASN A 326 -5.84 2.36 29.23
CA ASN A 326 -7.24 2.43 28.80
C ASN A 326 -7.60 1.26 27.91
N ASN A 327 -6.69 0.30 27.80
CA ASN A 327 -6.89 -0.88 26.96
C ASN A 327 -7.13 -2.12 27.81
N GLU A 328 -8.35 -2.63 27.77
CA GLU A 328 -8.76 -3.76 28.60
C GLU A 328 -7.90 -5.01 28.41
N TYR A 329 -7.58 -5.34 27.17
CA TYR A 329 -6.84 -6.56 26.88
C TYR A 329 -5.40 -6.48 27.39
N ILE A 330 -4.84 -5.27 27.40
CA ILE A 330 -3.49 -5.05 27.92
C ILE A 330 -3.48 -5.26 29.44
N MET A 331 -4.52 -4.76 30.10
CA MET A 331 -4.66 -4.91 31.55
C MET A 331 -4.65 -6.37 31.96
N SER A 332 -5.40 -7.19 31.23
CA SER A 332 -5.44 -8.62 31.48
C SER A 332 -4.05 -9.25 31.37
N LEU A 333 -3.29 -8.79 30.38
CA LEU A 333 -1.92 -9.26 30.20
C LEU A 333 -1.01 -8.74 31.31
N ILE A 334 -1.31 -7.54 31.80
CA ILE A 334 -0.55 -6.95 32.89
C ILE A 334 -0.89 -7.60 34.22
N SER A 335 -2.19 -7.71 34.51
CA SER A 335 -2.67 -8.29 35.76
C SER A 335 -2.20 -9.73 35.95
N ASP A 336 -2.20 -10.50 34.88
CA ASP A 336 -1.77 -11.91 34.94
C ASP A 336 -0.26 -12.02 34.83
N ASN A 337 0.42 -10.88 34.78
CA ASN A 337 1.89 -10.86 34.75
C ASN A 337 2.43 -9.72 35.59
N ALA A 338 1.66 -9.30 36.59
CA ALA A 338 2.04 -8.19 37.45
C ALA A 338 3.28 -8.52 38.29
N ALA A 339 3.62 -9.80 38.39
CA ALA A 339 4.78 -10.23 39.15
C ALA A 339 6.08 -9.84 38.46
N LYS A 340 6.01 -9.65 37.14
CA LYS A 340 7.19 -9.32 36.35
C LYS A 340 7.16 -7.90 35.80
N ILE A 341 5.95 -7.36 35.64
CA ILE A 341 5.78 -6.04 35.04
C ILE A 341 5.87 -4.90 36.06
N LEU A 342 5.09 -5.02 37.12
CA LEU A 342 5.05 -3.98 38.16
C LEU A 342 6.42 -3.59 38.76
N PRO A 343 7.33 -4.56 38.96
CA PRO A 343 8.66 -4.13 39.41
C PRO A 343 9.39 -3.23 38.42
N ILE A 344 9.08 -3.38 37.13
CA ILE A 344 9.73 -2.59 36.09
C ILE A 344 9.13 -1.19 35.96
N MET A 345 7.80 -1.11 35.98
CA MET A 345 7.10 0.17 35.85
C MET A 345 7.34 1.06 37.06
N PHE A 346 7.18 0.50 38.25
CA PHE A 346 7.37 1.25 39.49
C PHE A 346 8.35 0.53 40.41
N PRO A 347 9.66 0.68 40.15
CA PRO A 347 10.70 0.03 40.95
C PRO A 347 10.77 0.60 42.37
N SER A 348 10.16 1.75 42.58
CA SER A 348 10.12 2.38 43.90
C SER A 348 9.12 1.68 44.81
N LEU A 349 8.14 1.00 44.22
CA LEU A 349 7.06 0.40 44.98
C LEU A 349 7.11 -1.13 44.99
N TYR A 350 7.88 -1.71 44.08
CA TYR A 350 7.95 -3.16 43.96
C TYR A 350 9.39 -3.66 43.80
N ARG A 351 9.57 -4.97 43.98
CA ARG A 351 10.90 -5.57 43.86
C ARG A 351 10.81 -6.92 43.13
N ASN A 352 11.94 -7.37 42.59
CA ASN A 352 11.98 -8.64 41.87
C ASN A 352 12.72 -9.72 42.65
N LYS B 5 -12.35 3.76 2.47
CA LYS B 5 -12.54 2.51 1.74
C LYS B 5 -11.22 1.75 1.59
N LYS B 6 -10.95 0.86 2.54
CA LYS B 6 -9.73 0.06 2.52
C LYS B 6 -9.82 -1.03 1.45
N LEU B 7 -8.68 -1.36 0.85
CA LEU B 7 -8.64 -2.37 -0.22
C LEU B 7 -9.05 -3.74 0.29
N PRO B 9 -9.22 -7.76 0.69
CA PRO B 9 -8.16 -8.77 0.75
C PRO B 9 -8.00 -9.54 -0.55
N ILE B 10 -6.76 -9.90 -0.88
CA ILE B 10 -6.48 -10.72 -2.06
C ILE B 10 -6.03 -12.11 -1.63
N ILE B 11 -6.93 -13.08 -1.76
CA ILE B 11 -6.64 -14.46 -1.37
C ILE B 11 -5.50 -15.06 -2.18
N GLU B 12 -4.48 -15.54 -1.48
CA GLU B 12 -3.31 -16.14 -2.13
C GLU B 12 -3.74 -17.41 -2.86
N ASP B 13 -3.12 -17.64 -4.01
CA ASP B 13 -3.47 -18.78 -4.86
C ASP B 13 -2.21 -19.41 -5.45
N ASP B 14 -2.40 -20.38 -6.33
CA ASP B 14 -1.28 -21.13 -6.89
C ASP B 14 -1.28 -21.08 -8.41
N ARG B 15 -0.33 -20.36 -8.99
CA ARG B 15 -0.18 -20.30 -10.44
C ARG B 15 1.20 -19.75 -10.84
#